data_3DC6
#
_entry.id   3DC6
#
_cell.length_a   80.980
_cell.length_b   80.980
_cell.length_c   137.444
_cell.angle_alpha   90.00
_cell.angle_beta   90.00
_cell.angle_gamma   90.00
#
_symmetry.space_group_name_H-M   'P 41 21 2'
#
loop_
_entity.id
_entity.type
_entity.pdbx_description
1 polymer 'Superoxide dismutase [Mn] 1'
2 non-polymer 'MANGANESE (II) ION'
3 non-polymer 'SULFATE ION'
4 water water
#
_entity_poly.entity_id   1
_entity_poly.type   'polypeptide(L)'
_entity_poly.pdbx_seq_one_letter_code
;MKHSLPDLPYDYADLEPVISHEIMQLHHQKHHATYVNNLNQIEEKLHEAVSKGNVKEAIALQPALKFNGGGHINHSIFWT
NLAKDGGEPSAELLTAIKSDFGSLDNLQKQLSASTVAVQGSGWGWLGYCPKGKILKVATCANQDPLEATTGLVPLFGIDV
WEHAYYLQYKNVRPDYVNAIWKIANWKNVSERFAKAQQ
;
_entity_poly.pdbx_strand_id   A,C
#
# COMPACT_ATOMS: atom_id res chain seq x y z
N LYS A 2 -22.86 -8.50 -2.40
CA LYS A 2 -21.94 -7.65 -3.21
C LYS A 2 -22.04 -6.18 -2.81
N HIS A 3 -20.93 -5.45 -2.85
CA HIS A 3 -20.94 -4.02 -2.53
C HIS A 3 -21.86 -3.27 -3.50
N SER A 4 -22.58 -2.28 -2.98
CA SER A 4 -23.55 -1.55 -3.78
C SER A 4 -23.46 -0.07 -3.46
N LEU A 5 -23.89 0.74 -4.41
CA LEU A 5 -23.95 2.18 -4.22
C LEU A 5 -25.13 2.51 -3.29
N PRO A 6 -24.87 3.11 -2.11
CA PRO A 6 -25.99 3.42 -1.22
C PRO A 6 -26.81 4.58 -1.76
N ASP A 7 -28.09 4.58 -1.48
CA ASP A 7 -28.91 5.76 -1.82
C ASP A 7 -28.48 6.85 -0.87
N LEU A 8 -28.57 8.11 -1.35
CA LEU A 8 -28.31 9.25 -0.50
C LEU A 8 -29.46 9.38 0.48
N PRO A 9 -29.21 9.98 1.66
CA PRO A 9 -30.29 10.24 2.61
C PRO A 9 -31.18 11.45 2.27
N TYR A 10 -30.89 12.11 1.15
CA TYR A 10 -31.60 13.34 0.74
C TYR A 10 -31.62 13.38 -0.77
N ASP A 11 -32.39 14.31 -1.33
CA ASP A 11 -32.40 14.56 -2.77
C ASP A 11 -31.11 15.27 -3.20
N TYR A 12 -30.77 15.18 -4.48
CA TYR A 12 -29.49 15.71 -4.96
C TYR A 12 -29.35 17.21 -4.79
N ALA A 13 -30.45 17.95 -4.82
CA ALA A 13 -30.38 19.40 -4.65
C ALA A 13 -30.57 19.88 -3.20
N ASP A 14 -30.68 18.94 -2.26
CA ASP A 14 -31.05 19.29 -0.87
C ASP A 14 -29.95 20.00 -0.09
N LEU A 15 -28.73 19.97 -0.61
CA LEU A 15 -27.60 20.63 0.07
C LEU A 15 -27.23 22.00 -0.53
N GLU A 16 -28.00 22.43 -1.52
CA GLU A 16 -27.80 23.75 -2.11
C GLU A 16 -28.14 24.81 -1.03
N PRO A 17 -27.44 25.95 -1.05
CA PRO A 17 -26.44 26.37 -2.03
C PRO A 17 -25.01 26.02 -1.64
N VAL A 18 -24.81 25.11 -0.69
CA VAL A 18 -23.45 24.75 -0.25
C VAL A 18 -22.79 23.79 -1.25
N ILE A 19 -23.56 22.80 -1.71
CA ILE A 19 -23.07 21.89 -2.75
C ILE A 19 -24.20 21.74 -3.75
N SER A 20 -23.88 21.96 -5.03
CA SER A 20 -24.89 21.98 -6.09
C SER A 20 -25.46 20.61 -6.42
N HIS A 21 -26.66 20.62 -7.00
CA HIS A 21 -27.26 19.43 -7.55
C HIS A 21 -26.30 18.67 -8.48
N GLU A 22 -25.66 19.38 -9.42
CA GLU A 22 -24.79 18.71 -10.38
C GLU A 22 -23.64 18.00 -9.68
N ILE A 23 -23.02 18.68 -8.72
CA ILE A 23 -21.92 18.05 -7.97
C ILE A 23 -22.45 16.78 -7.27
N MET A 24 -23.56 16.91 -6.53
CA MET A 24 -24.07 15.75 -5.80
C MET A 24 -24.36 14.59 -6.73
N GLN A 25 -24.97 14.90 -7.87
CA GLN A 25 -25.38 13.87 -8.83
C GLN A 25 -24.16 13.16 -9.42
N LEU A 26 -23.17 13.93 -9.89
CA LEU A 26 -21.94 13.34 -10.41
C LEU A 26 -21.17 12.59 -9.35
N HIS A 27 -21.05 13.22 -8.18
CA HIS A 27 -20.25 12.67 -7.11
C HIS A 27 -20.79 11.31 -6.68
N HIS A 28 -22.12 11.18 -6.66
CA HIS A 28 -22.79 9.95 -6.28
C HIS A 28 -22.87 8.95 -7.44
N GLN A 29 -23.51 9.34 -8.55
CA GLN A 29 -23.84 8.43 -9.65
C GLN A 29 -22.62 8.06 -10.52
N LYS A 30 -21.61 8.93 -10.57
CA LYS A 30 -20.43 8.64 -11.32
C LYS A 30 -19.18 8.25 -10.49
N HIS A 31 -18.77 9.13 -9.58
CA HIS A 31 -17.54 8.87 -8.84
C HIS A 31 -17.70 7.72 -7.87
N HIS A 32 -18.69 7.82 -6.97
CA HIS A 32 -18.86 6.74 -6.00
C HIS A 32 -19.22 5.43 -6.72
N ALA A 33 -20.13 5.49 -7.68
CA ALA A 33 -20.53 4.30 -8.45
C ALA A 33 -19.32 3.62 -9.08
N THR A 34 -18.40 4.41 -9.60
CA THR A 34 -17.18 3.85 -10.21
C THR A 34 -16.32 3.11 -9.19
N TYR A 35 -16.12 3.72 -8.03
CA TYR A 35 -15.38 3.04 -6.95
C TYR A 35 -16.05 1.71 -6.59
N VAL A 36 -17.36 1.70 -6.44
CA VAL A 36 -18.11 0.47 -6.09
C VAL A 36 -17.94 -0.60 -7.16
N ASN A 37 -18.12 -0.20 -8.41
CA ASN A 37 -18.02 -1.16 -9.51
C ASN A 37 -16.63 -1.75 -9.57
N ASN A 38 -15.62 -0.88 -9.47
CA ASN A 38 -14.24 -1.36 -9.51
C ASN A 38 -13.92 -2.19 -8.29
N LEU A 39 -14.37 -1.74 -7.11
CA LEU A 39 -14.21 -2.54 -5.89
C LEU A 39 -14.71 -3.98 -6.05
N ASN A 40 -15.90 -4.15 -6.62
CA ASN A 40 -16.43 -5.50 -6.78
C ASN A 40 -15.54 -6.37 -7.66
N GLN A 41 -15.05 -5.77 -8.76
CA GLN A 41 -14.13 -6.46 -9.69
C GLN A 41 -12.83 -6.86 -9.01
N ILE A 42 -12.26 -5.92 -8.25
N ILE A 42 -12.26 -5.91 -8.26
CA ILE A 42 -10.98 -6.13 -7.59
CA ILE A 42 -11.00 -6.10 -7.57
C ILE A 42 -11.10 -7.09 -6.40
C ILE A 42 -11.14 -7.14 -6.46
N GLU A 43 -12.19 -6.98 -5.66
CA GLU A 43 -12.43 -7.92 -4.55
C GLU A 43 -12.57 -9.35 -5.06
N GLU A 44 -13.26 -9.54 -6.19
CA GLU A 44 -13.34 -10.86 -6.82
C GLU A 44 -11.97 -11.41 -7.22
N LYS A 45 -11.13 -10.56 -7.81
CA LYS A 45 -9.79 -10.99 -8.23
C LYS A 45 -8.93 -11.34 -7.01
N LEU A 46 -9.09 -10.55 -5.96
CA LEU A 46 -8.32 -10.73 -4.73
C LEU A 46 -8.74 -12.03 -4.03
N HIS A 47 -10.05 -12.28 -4.01
CA HIS A 47 -10.55 -13.53 -3.41
C HIS A 47 -9.89 -14.72 -4.09
N GLU A 48 -9.88 -14.70 -5.42
CA GLU A 48 -9.27 -15.78 -6.20
C GLU A 48 -7.76 -15.92 -5.91
N ALA A 49 -7.06 -14.78 -5.93
CA ALA A 49 -5.62 -14.77 -5.71
C ALA A 49 -5.29 -15.34 -4.34
N VAL A 50 -5.97 -14.83 -3.31
CA VAL A 50 -5.68 -15.30 -1.94
C VAL A 50 -6.08 -16.78 -1.76
N SER A 51 -7.18 -17.16 -2.37
CA SER A 51 -7.65 -18.55 -2.29
C SER A 51 -6.57 -19.52 -2.76
N LYS A 52 -5.88 -19.12 -3.82
CA LYS A 52 -4.90 -19.98 -4.46
C LYS A 52 -3.47 -19.74 -3.96
N GLY A 53 -3.35 -18.88 -2.95
CA GLY A 53 -2.05 -18.55 -2.39
C GLY A 53 -1.14 -17.84 -3.36
N ASN A 54 -1.74 -17.09 -4.29
CA ASN A 54 -0.96 -16.31 -5.25
CA ASN A 54 -0.97 -16.30 -5.25
C ASN A 54 -0.60 -14.96 -4.61
N VAL A 55 0.50 -14.98 -3.85
CA VAL A 55 0.92 -13.79 -3.08
C VAL A 55 1.29 -12.63 -4.00
N LYS A 56 1.96 -12.94 -5.11
CA LYS A 56 2.27 -11.90 -6.11
C LYS A 56 1.03 -11.13 -6.55
N GLU A 57 0.01 -11.87 -6.99
N GLU A 57 0.01 -11.87 -6.99
CA GLU A 57 -1.23 -11.25 -7.48
CA GLU A 57 -1.22 -11.22 -7.49
C GLU A 57 -1.92 -10.49 -6.36
C GLU A 57 -1.96 -10.50 -6.37
N ALA A 58 -1.95 -11.10 -5.17
CA ALA A 58 -2.59 -10.47 -4.00
C ALA A 58 -1.93 -9.12 -3.70
N ILE A 59 -0.60 -9.08 -3.75
CA ILE A 59 0.12 -7.82 -3.50
C ILE A 59 -0.13 -6.81 -4.62
N ALA A 60 -0.15 -7.31 -5.86
CA ALA A 60 -0.35 -6.43 -7.01
C ALA A 60 -1.69 -5.71 -7.02
N LEU A 61 -2.69 -6.34 -6.41
CA LEU A 61 -4.05 -5.80 -6.34
C LEU A 61 -4.21 -4.75 -5.22
N GLN A 62 -3.20 -4.62 -4.36
CA GLN A 62 -3.35 -3.78 -3.18
C GLN A 62 -3.65 -2.29 -3.45
N PRO A 63 -2.90 -1.63 -4.35
CA PRO A 63 -3.26 -0.23 -4.67
C PRO A 63 -4.71 -0.06 -5.15
N ALA A 64 -5.16 -0.96 -6.03
CA ALA A 64 -6.50 -0.89 -6.57
C ALA A 64 -7.56 -1.15 -5.49
N LEU A 65 -7.32 -2.11 -4.59
CA LEU A 65 -8.27 -2.36 -3.50
C LEU A 65 -8.33 -1.15 -2.55
N LYS A 66 -7.17 -0.61 -2.16
CA LYS A 66 -7.19 0.51 -1.23
C LYS A 66 -7.91 1.72 -1.84
N PHE A 67 -7.65 1.95 -3.12
CA PHE A 67 -8.18 3.13 -3.80
C PHE A 67 -9.69 3.01 -3.99
N ASN A 68 -10.14 1.88 -4.52
CA ASN A 68 -11.55 1.68 -4.80
C ASN A 68 -12.36 1.31 -3.58
N GLY A 69 -11.81 0.41 -2.75
CA GLY A 69 -12.42 0.07 -1.48
C GLY A 69 -12.48 1.30 -0.59
N GLY A 70 -11.38 2.04 -0.54
CA GLY A 70 -11.34 3.29 0.23
C GLY A 70 -12.36 4.28 -0.30
N GLY A 71 -12.44 4.41 -1.64
CA GLY A 71 -13.41 5.34 -2.23
C GLY A 71 -14.81 5.00 -1.77
N HIS A 72 -15.14 3.70 -1.80
CA HIS A 72 -16.44 3.25 -1.32
C HIS A 72 -16.68 3.60 0.16
N ILE A 73 -15.74 3.26 1.02
CA ILE A 73 -15.86 3.54 2.46
C ILE A 73 -16.05 5.04 2.72
N ASN A 74 -15.16 5.83 2.12
CA ASN A 74 -15.08 7.27 2.35
C ASN A 74 -16.37 7.95 1.92
N HIS A 75 -16.83 7.66 0.71
CA HIS A 75 -18.05 8.31 0.21
C HIS A 75 -19.30 7.83 0.94
N SER A 76 -19.34 6.55 1.29
CA SER A 76 -20.48 6.03 2.06
C SER A 76 -20.64 6.81 3.36
N ILE A 77 -19.53 7.05 4.05
CA ILE A 77 -19.58 7.82 5.29
C ILE A 77 -19.98 9.27 4.97
N PHE A 78 -19.33 9.82 3.96
CA PHE A 78 -19.50 11.23 3.61
C PHE A 78 -20.98 11.61 3.40
N TRP A 79 -21.73 10.79 2.66
CA TRP A 79 -23.13 11.14 2.40
C TRP A 79 -23.90 11.28 3.71
N THR A 80 -23.62 10.41 4.68
CA THR A 80 -24.35 10.43 5.95
C THR A 80 -23.90 11.58 6.85
N ASN A 81 -22.71 12.11 6.57
CA ASN A 81 -22.15 13.24 7.32
C ASN A 81 -22.76 14.60 6.97
N LEU A 82 -23.62 14.65 5.95
CA LEU A 82 -24.21 15.91 5.47
C LEU A 82 -25.72 15.90 5.63
N ALA A 83 -26.31 17.08 5.83
CA ALA A 83 -27.76 17.21 5.88
C ALA A 83 -28.15 18.66 5.66
N LYS A 84 -29.35 18.86 5.10
CA LYS A 84 -29.93 20.20 4.96
C LYS A 84 -30.01 20.88 6.33
N ASP A 85 -30.56 20.16 7.30
CA ASP A 85 -30.62 20.63 8.68
CA ASP A 85 -30.63 20.63 8.68
C ASP A 85 -30.00 19.56 9.57
N GLY A 86 -28.73 19.75 9.89
CA GLY A 86 -27.97 18.73 10.59
C GLY A 86 -27.93 18.87 12.10
N GLY A 87 -28.68 19.82 12.64
CA GLY A 87 -28.75 20.02 14.09
C GLY A 87 -27.44 20.42 14.72
N GLU A 88 -27.27 20.03 15.97
CA GLU A 88 -26.10 20.41 16.74
C GLU A 88 -25.48 19.16 17.35
N PRO A 89 -24.21 19.23 17.77
CA PRO A 89 -23.60 18.08 18.43
C PRO A 89 -24.37 17.68 19.68
N SER A 90 -24.41 16.38 19.97
CA SER A 90 -24.96 15.88 21.22
C SER A 90 -24.19 16.50 22.38
N ALA A 91 -24.80 16.46 23.57
CA ALA A 91 -24.14 16.90 24.80
C ALA A 91 -22.78 16.22 24.95
N GLU A 92 -22.76 14.90 24.79
CA GLU A 92 -21.54 14.08 24.93
C GLU A 92 -20.45 14.48 23.95
N LEU A 93 -20.83 14.66 22.69
CA LEU A 93 -19.88 15.04 21.67
C LEU A 93 -19.33 16.44 21.92
N LEU A 94 -20.20 17.37 22.30
CA LEU A 94 -19.76 18.73 22.59
C LEU A 94 -18.78 18.75 23.77
N THR A 95 -19.05 17.95 24.80
CA THR A 95 -18.12 17.82 25.93
C THR A 95 -16.73 17.37 25.47
N ALA A 96 -16.69 16.36 24.59
CA ALA A 96 -15.44 15.83 24.03
C ALA A 96 -14.74 16.85 23.13
N ILE A 97 -15.52 17.58 22.34
CA ILE A 97 -14.98 18.63 21.47
C ILE A 97 -14.32 19.73 22.31
N LYS A 98 -15.03 20.19 23.33
CA LYS A 98 -14.50 21.22 24.22
C LYS A 98 -13.25 20.73 24.95
N SER A 99 -13.26 19.47 25.36
CA SER A 99 -12.13 18.89 26.08
C SER A 99 -10.88 18.81 25.18
N ASP A 100 -11.07 18.36 23.95
CA ASP A 100 -9.96 18.13 23.04
C ASP A 100 -9.57 19.34 22.19
N PHE A 101 -10.51 20.25 21.93
CA PHE A 101 -10.24 21.38 21.03
C PHE A 101 -10.55 22.74 21.65
N GLY A 102 -11.10 22.73 22.87
CA GLY A 102 -11.42 23.99 23.55
C GLY A 102 -12.83 24.47 23.25
N SER A 103 -13.20 24.42 21.97
CA SER A 103 -14.50 24.91 21.50
C SER A 103 -14.82 24.29 20.14
N LEU A 104 -16.09 24.32 19.77
CA LEU A 104 -16.51 23.88 18.42
C LEU A 104 -15.87 24.77 17.37
N ASP A 105 -15.80 26.08 17.62
CA ASP A 105 -15.16 26.99 16.68
CA ASP A 105 -15.16 26.99 16.67
C ASP A 105 -13.70 26.61 16.42
N ASN A 106 -12.95 26.30 17.48
CA ASN A 106 -11.57 25.84 17.37
C ASN A 106 -11.43 24.54 16.57
N LEU A 107 -12.30 23.57 16.83
CA LEU A 107 -12.31 22.33 16.07
C LEU A 107 -12.52 22.63 14.57
N GLN A 108 -13.54 23.44 14.27
CA GLN A 108 -13.83 23.80 12.87
C GLN A 108 -12.62 24.43 12.20
N LYS A 109 -11.98 25.37 12.90
N LYS A 109 -11.98 25.40 12.86
CA LYS A 109 -10.79 26.06 12.42
CA LYS A 109 -10.83 26.08 12.26
C LYS A 109 -9.64 25.08 12.14
C LYS A 109 -9.66 25.13 12.02
N GLN A 110 -9.38 24.20 13.09
N GLN A 110 -9.42 24.24 12.98
CA GLN A 110 -8.25 23.28 12.96
CA GLN A 110 -8.29 23.33 12.92
C GLN A 110 -8.48 22.27 11.84
C GLN A 110 -8.48 22.27 11.86
N LEU A 111 -9.67 21.67 11.83
CA LEU A 111 -9.98 20.68 10.78
C LEU A 111 -9.99 21.35 9.40
N SER A 112 -10.57 22.56 9.32
CA SER A 112 -10.60 23.27 8.04
C SER A 112 -9.20 23.56 7.50
N ALA A 113 -8.33 24.05 8.39
CA ALA A 113 -6.95 24.37 8.01
C ALA A 113 -6.20 23.12 7.54
N SER A 114 -6.33 22.02 8.29
CA SER A 114 -5.61 20.79 7.89
C SER A 114 -6.12 20.27 6.54
N THR A 115 -7.43 20.37 6.34
CA THR A 115 -8.07 19.85 5.14
C THR A 115 -7.67 20.69 3.92
N VAL A 116 -7.73 22.00 4.09
CA VAL A 116 -7.31 22.89 3.00
C VAL A 116 -5.86 22.62 2.56
N ALA A 117 -5.01 22.27 3.54
CA ALA A 117 -3.58 22.07 3.30
C ALA A 117 -3.23 20.78 2.60
N VAL A 118 -4.21 19.91 2.39
CA VAL A 118 -3.99 18.62 1.65
C VAL A 118 -3.40 18.95 0.27
N GLN A 119 -2.27 18.34 -0.04
CA GLN A 119 -1.64 18.53 -1.35
C GLN A 119 -2.17 17.47 -2.31
N GLY A 120 -2.90 17.94 -3.34
CA GLY A 120 -3.52 17.02 -4.28
C GLY A 120 -4.87 16.56 -3.78
N SER A 121 -5.21 15.31 -4.07
CA SER A 121 -6.53 14.78 -3.73
C SER A 121 -6.51 14.14 -2.34
N GLY A 122 -7.60 14.32 -1.59
CA GLY A 122 -7.68 13.68 -0.30
C GLY A 122 -8.84 14.12 0.53
N TRP A 123 -8.75 13.74 1.78
CA TRP A 123 -9.80 13.96 2.74
C TRP A 123 -9.34 14.53 4.07
N GLY A 124 -10.24 15.25 4.73
CA GLY A 124 -10.01 15.77 6.04
C GLY A 124 -10.94 15.02 6.98
N TRP A 125 -10.51 14.64 8.17
CA TRP A 125 -11.40 13.91 9.05
C TRP A 125 -11.32 14.32 10.50
N LEU A 126 -12.47 14.29 11.12
CA LEU A 126 -12.59 14.44 12.54
C LEU A 126 -12.65 12.99 12.98
N GLY A 127 -11.77 12.43 13.73
CA GLY A 127 -11.85 11.04 14.09
C GLY A 127 -11.72 10.80 15.59
N TYR A 128 -12.02 9.57 16.01
CA TYR A 128 -11.93 9.18 17.41
C TYR A 128 -10.86 8.12 17.53
N CYS A 129 -9.90 8.35 18.44
CA CYS A 129 -8.85 7.37 18.71
C CYS A 129 -9.29 6.47 19.86
N PRO A 130 -9.55 5.18 19.56
CA PRO A 130 -10.01 4.27 20.60
C PRO A 130 -8.97 4.02 21.68
N LYS A 131 -7.69 4.16 21.33
CA LYS A 131 -6.58 3.99 22.28
C LYS A 131 -6.47 5.16 23.26
N GLY A 132 -6.37 6.38 22.74
CA GLY A 132 -6.29 7.57 23.60
C GLY A 132 -7.62 8.02 24.16
N LYS A 133 -8.72 7.53 23.57
CA LYS A 133 -10.08 7.93 23.94
C LYS A 133 -10.23 9.44 23.76
N ILE A 134 -9.65 9.95 22.68
CA ILE A 134 -9.76 11.36 22.36
C ILE A 134 -10.06 11.60 20.89
N LEU A 135 -10.58 12.79 20.61
CA LEU A 135 -10.86 13.23 19.25
C LEU A 135 -9.60 13.77 18.62
N LYS A 136 -9.46 13.55 17.32
CA LYS A 136 -8.31 13.96 16.58
C LYS A 136 -8.64 14.42 15.17
N VAL A 137 -7.86 15.35 14.63
CA VAL A 137 -7.99 15.80 13.27
C VAL A 137 -6.94 15.00 12.51
N ALA A 138 -7.32 14.43 11.36
CA ALA A 138 -6.38 13.70 10.52
C ALA A 138 -6.69 13.94 9.04
N THR A 139 -5.70 13.80 8.17
CA THR A 139 -5.97 13.87 6.75
C THR A 139 -5.48 12.59 6.10
N CYS A 140 -6.12 12.23 4.98
CA CYS A 140 -5.78 11.04 4.23
C CYS A 140 -5.53 11.41 2.78
N ALA A 141 -4.56 10.74 2.16
CA ALA A 141 -4.27 10.96 0.75
C ALA A 141 -5.22 10.16 -0.14
N ASN A 142 -5.58 10.76 -1.28
CA ASN A 142 -6.37 10.04 -2.30
C ASN A 142 -7.63 9.43 -1.67
N GLN A 143 -7.86 8.13 -1.83
CA GLN A 143 -8.99 7.48 -1.16
C GLN A 143 -8.59 6.62 0.02
N ASP A 144 -7.36 6.80 0.54
CA ASP A 144 -6.92 6.05 1.71
C ASP A 144 -7.97 6.21 2.80
N PRO A 145 -8.60 5.10 3.23
CA PRO A 145 -9.67 5.24 4.24
C PRO A 145 -9.09 5.39 5.64
N LEU A 146 -9.75 6.19 6.47
CA LEU A 146 -9.17 6.59 7.74
C LEU A 146 -8.90 5.42 8.68
N GLU A 147 -9.93 4.60 8.92
CA GLU A 147 -9.81 3.58 9.97
C GLU A 147 -8.81 2.48 9.58
N ALA A 148 -8.92 2.00 8.36
CA ALA A 148 -8.06 0.91 7.91
C ALA A 148 -6.61 1.35 7.97
N THR A 149 -6.33 2.61 7.63
CA THR A 149 -4.94 3.08 7.51
C THR A 149 -4.35 3.74 8.76
N THR A 150 -5.19 4.20 9.68
CA THR A 150 -4.69 4.91 10.89
C THR A 150 -5.22 4.36 12.21
N GLY A 151 -6.29 3.58 12.15
CA GLY A 151 -6.96 3.10 13.37
C GLY A 151 -7.97 4.09 13.94
N LEU A 152 -7.97 5.32 13.43
CA LEU A 152 -8.90 6.33 13.92
C LEU A 152 -10.28 6.06 13.35
N VAL A 153 -11.29 6.15 14.20
CA VAL A 153 -12.66 5.91 13.75
C VAL A 153 -13.23 7.21 13.18
N PRO A 154 -13.67 7.18 11.91
CA PRO A 154 -14.14 8.45 11.30
C PRO A 154 -15.46 8.92 11.88
N LEU A 155 -15.53 10.21 12.19
CA LEU A 155 -16.75 10.82 12.67
C LEU A 155 -17.34 11.83 11.70
N PHE A 156 -16.47 12.69 11.13
CA PHE A 156 -16.91 13.67 10.13
C PHE A 156 -15.81 13.86 9.11
N GLY A 157 -16.16 13.70 7.83
CA GLY A 157 -15.17 13.82 6.76
C GLY A 157 -15.47 14.97 5.81
N ILE A 158 -14.42 15.55 5.24
CA ILE A 158 -14.53 16.62 4.25
C ILE A 158 -13.70 16.18 3.04
N ASP A 159 -14.40 15.86 1.95
CA ASP A 159 -13.79 15.46 0.74
C ASP A 159 -13.20 16.67 0.01
N VAL A 160 -11.85 16.67 -0.22
CA VAL A 160 -11.31 17.82 -0.96
C VAL A 160 -10.70 17.43 -2.30
N TRP A 161 -11.21 16.35 -2.84
CA TRP A 161 -10.85 16.00 -4.16
C TRP A 161 -11.44 17.12 -4.93
N GLU A 162 -10.87 17.59 -6.00
CA GLU A 162 -11.42 18.74 -6.70
C GLU A 162 -12.86 18.44 -7.21
N HIS A 163 -13.17 17.18 -7.50
CA HIS A 163 -14.53 16.87 -8.00
C HIS A 163 -15.58 17.16 -6.90
N ALA A 164 -15.17 17.24 -5.63
CA ALA A 164 -16.12 17.52 -4.54
C ALA A 164 -16.60 18.97 -4.54
N TYR A 165 -15.90 19.89 -5.24
CA TYR A 165 -16.27 21.30 -5.15
C TYR A 165 -15.99 22.12 -6.39
N TYR A 166 -15.23 21.61 -7.35
CA TYR A 166 -14.79 22.47 -8.46
C TYR A 166 -15.87 23.15 -9.33
N LEU A 167 -16.94 22.42 -9.66
CA LEU A 167 -17.96 22.98 -10.54
C LEU A 167 -18.55 24.27 -9.97
N GLN A 168 -18.62 24.32 -8.64
CA GLN A 168 -19.23 25.45 -7.93
C GLN A 168 -18.20 26.48 -7.43
N TYR A 169 -17.14 25.98 -6.79
CA TYR A 169 -16.17 26.83 -6.05
C TYR A 169 -14.91 27.09 -6.86
N LYS A 170 -14.77 26.33 -7.95
CA LYS A 170 -13.59 26.38 -8.82
C LYS A 170 -12.36 26.18 -7.93
N ASN A 171 -11.32 27.01 -8.08
CA ASN A 171 -10.09 26.82 -7.32
C ASN A 171 -10.21 27.14 -5.83
N VAL A 172 -11.32 27.75 -5.42
CA VAL A 172 -11.39 28.27 -4.05
C VAL A 172 -11.83 27.18 -3.06
N ARG A 173 -10.97 26.17 -2.91
CA ARG A 173 -11.20 25.11 -1.92
C ARG A 173 -11.55 25.62 -0.50
N PRO A 174 -10.84 26.66 0.01
CA PRO A 174 -11.14 27.14 1.37
C PRO A 174 -12.59 27.56 1.58
N ASP A 175 -13.22 28.15 0.56
CA ASP A 175 -14.61 28.58 0.71
C ASP A 175 -15.53 27.36 0.84
N TYR A 176 -15.24 26.31 0.07
CA TYR A 176 -16.02 25.08 0.19
C TYR A 176 -15.83 24.44 1.57
N VAL A 177 -14.58 24.35 2.00
CA VAL A 177 -14.29 23.79 3.33
C VAL A 177 -15.00 24.59 4.46
N ASN A 178 -15.02 25.91 4.35
CA ASN A 178 -15.73 26.71 5.35
C ASN A 178 -17.24 26.50 5.29
N ALA A 179 -17.77 26.41 4.06
CA ALA A 179 -19.21 26.36 3.88
C ALA A 179 -19.78 25.02 4.28
N ILE A 180 -18.96 23.96 4.20
CA ILE A 180 -19.50 22.62 4.47
C ILE A 180 -19.99 22.49 5.91
N TRP A 181 -19.45 23.31 6.81
CA TRP A 181 -19.91 23.30 8.19
C TRP A 181 -21.40 23.63 8.33
N LYS A 182 -21.94 24.41 7.40
CA LYS A 182 -23.37 24.75 7.39
C LYS A 182 -24.25 23.52 7.19
N ILE A 183 -23.71 22.48 6.54
CA ILE A 183 -24.48 21.27 6.26
C ILE A 183 -23.93 20.03 6.96
N ALA A 184 -23.03 20.23 7.94
CA ALA A 184 -22.52 19.14 8.75
C ALA A 184 -23.69 18.50 9.49
N ASN A 185 -23.84 17.18 9.33
CA ASN A 185 -24.93 16.47 9.99
C ASN A 185 -24.49 16.01 11.36
N TRP A 186 -24.66 16.91 12.35
CA TRP A 186 -24.18 16.62 13.69
C TRP A 186 -24.92 15.45 14.32
N LYS A 187 -26.15 15.19 13.89
CA LYS A 187 -26.87 14.01 14.37
C LYS A 187 -26.08 12.75 14.05
N ASN A 188 -25.62 12.65 12.80
CA ASN A 188 -24.82 11.51 12.38
C ASN A 188 -23.44 11.46 13.04
N VAL A 189 -22.75 12.60 13.09
CA VAL A 189 -21.44 12.66 13.75
C VAL A 189 -21.57 12.20 15.21
N SER A 190 -22.63 12.67 15.89
CA SER A 190 -22.90 12.28 17.27
C SER A 190 -23.16 10.80 17.41
N GLU A 191 -23.96 10.24 16.49
CA GLU A 191 -24.21 8.80 16.47
C GLU A 191 -22.93 7.99 16.28
N ARG A 192 -22.07 8.46 15.37
CA ARG A 192 -20.79 7.81 15.10
C ARG A 192 -19.87 7.88 16.30
N PHE A 193 -19.88 9.02 17.00
CA PHE A 193 -19.12 9.19 18.23
C PHE A 193 -19.59 8.20 19.30
N ALA A 194 -20.91 8.05 19.45
CA ALA A 194 -21.46 7.14 20.44
C ALA A 194 -21.04 5.69 20.13
N LYS A 195 -21.12 5.33 18.86
CA LYS A 195 -20.76 3.99 18.41
C LYS A 195 -19.26 3.74 18.56
N ALA A 196 -18.44 4.75 18.30
CA ALA A 196 -16.99 4.66 18.45
C ALA A 196 -16.55 4.37 19.90
N GLN A 197 -17.40 4.73 20.86
CA GLN A 197 -17.10 4.58 22.29
C GLN A 197 -17.50 3.21 22.83
N GLN A 198 -18.20 2.43 22.01
CA GLN A 198 -18.65 1.09 22.41
C GLN A 198 -17.55 0.05 22.26
N MET B 1 -3.17 -26.17 1.77
CA MET B 1 -2.05 -25.47 1.08
C MET B 1 -1.46 -24.40 2.00
N LYS B 2 -0.14 -24.33 2.06
CA LYS B 2 0.51 -23.29 2.84
C LYS B 2 1.89 -22.99 2.26
N HIS B 3 2.38 -21.80 2.56
CA HIS B 3 3.72 -21.41 2.14
C HIS B 3 4.71 -22.05 3.09
N SER B 4 5.85 -22.49 2.56
N SER B 4 5.84 -22.48 2.54
CA SER B 4 6.87 -23.11 3.38
CA SER B 4 6.90 -23.12 3.33
C SER B 4 8.25 -22.53 3.07
C SER B 4 8.24 -22.43 3.11
N LEU B 5 9.15 -22.62 4.05
CA LEU B 5 10.52 -22.13 3.90
C LEU B 5 11.24 -23.09 2.95
N PRO B 6 11.68 -22.60 1.80
CA PRO B 6 12.36 -23.51 0.89
C PRO B 6 13.75 -23.89 1.40
N ASP B 7 14.20 -25.12 1.13
CA ASP B 7 15.53 -25.51 1.45
C ASP B 7 16.44 -24.69 0.53
N LEU B 8 17.60 -24.29 1.04
CA LEU B 8 18.63 -23.68 0.19
C LEU B 8 19.14 -24.72 -0.82
N PRO B 9 19.58 -24.27 -2.02
CA PRO B 9 20.14 -25.21 -3.00
C PRO B 9 21.56 -25.68 -2.67
N TYR B 10 22.05 -25.29 -1.50
CA TYR B 10 23.43 -25.57 -1.07
C TYR B 10 23.46 -25.58 0.45
N ASP B 11 24.59 -26.01 1.01
CA ASP B 11 24.82 -25.95 2.45
C ASP B 11 25.09 -24.52 2.91
N TYR B 12 24.98 -24.29 4.22
CA TYR B 12 25.06 -22.93 4.79
C TYR B 12 26.41 -22.26 4.61
N ALA B 13 27.48 -23.05 4.61
CA ALA B 13 28.82 -22.50 4.49
C ALA B 13 29.33 -22.51 3.05
N ASP B 14 28.46 -22.89 2.10
CA ASP B 14 28.87 -23.02 0.69
C ASP B 14 29.19 -21.70 0.00
N LEU B 15 28.69 -20.58 0.54
CA LEU B 15 28.93 -19.28 -0.09
C LEU B 15 30.09 -18.51 0.53
N GLU B 16 30.67 -19.06 1.60
CA GLU B 16 31.94 -18.55 2.13
C GLU B 16 33.00 -18.72 1.04
N PRO B 17 33.92 -17.75 0.89
CA PRO B 17 34.16 -16.60 1.76
C PRO B 17 33.32 -15.36 1.47
N VAL B 18 32.40 -15.45 0.51
CA VAL B 18 31.65 -14.26 0.06
C VAL B 18 30.49 -13.91 1.01
N ILE B 19 29.81 -14.94 1.49
CA ILE B 19 28.80 -14.75 2.53
C ILE B 19 29.02 -15.82 3.61
N SER B 20 29.20 -15.38 4.84
CA SER B 20 29.52 -16.30 5.94
C SER B 20 28.36 -17.23 6.24
N HIS B 21 28.69 -18.38 6.82
CA HIS B 21 27.70 -19.37 7.22
C HIS B 21 26.77 -18.83 8.30
N GLU B 22 27.26 -17.95 9.18
CA GLU B 22 26.39 -17.38 10.20
C GLU B 22 25.35 -16.44 9.57
N ILE B 23 25.77 -15.63 8.60
CA ILE B 23 24.79 -14.82 7.86
C ILE B 23 23.76 -15.73 7.18
N MET B 24 24.22 -16.72 6.43
CA MET B 24 23.31 -17.61 5.71
C MET B 24 22.29 -18.29 6.62
N GLN B 25 22.74 -18.80 7.77
CA GLN B 25 21.86 -19.52 8.69
C GLN B 25 20.82 -18.59 9.31
N LEU B 26 21.28 -17.45 9.83
CA LEU B 26 20.37 -16.44 10.37
C LEU B 26 19.41 -16.00 9.29
N HIS B 27 19.94 -15.64 8.12
CA HIS B 27 19.16 -15.08 7.02
C HIS B 27 18.06 -16.06 6.61
N HIS B 28 18.42 -17.34 6.53
CA HIS B 28 17.47 -18.36 6.10
C HIS B 28 16.54 -18.82 7.22
N GLN B 29 17.11 -19.23 8.35
CA GLN B 29 16.37 -19.89 9.43
C GLN B 29 15.58 -18.92 10.30
N LYS B 30 16.08 -17.68 10.42
CA LYS B 30 15.43 -16.66 11.25
C LYS B 30 14.66 -15.61 10.45
N HIS B 31 15.34 -14.93 9.54
CA HIS B 31 14.72 -13.88 8.77
C HIS B 31 13.69 -14.40 7.77
N HIS B 32 14.08 -15.31 6.89
CA HIS B 32 13.13 -15.80 5.88
C HIS B 32 12.01 -16.60 6.55
N ALA B 33 12.35 -17.45 7.50
CA ALA B 33 11.34 -18.23 8.25
C ALA B 33 10.28 -17.33 8.90
N THR B 34 10.74 -16.21 9.47
CA THR B 34 9.81 -15.26 10.07
C THR B 34 8.82 -14.71 9.04
N TYR B 35 9.31 -14.35 7.85
CA TYR B 35 8.44 -13.84 6.79
C TYR B 35 7.41 -14.89 6.40
N VAL B 36 7.86 -16.14 6.22
CA VAL B 36 6.96 -17.24 5.83
C VAL B 36 5.89 -17.48 6.88
N ASN B 37 6.30 -17.55 8.14
CA ASN B 37 5.40 -17.84 9.24
C ASN B 37 4.33 -16.77 9.36
N ASN B 38 4.76 -15.51 9.29
CA ASN B 38 3.84 -14.38 9.30
C ASN B 38 2.95 -14.37 8.07
N LEU B 39 3.53 -14.65 6.91
CA LEU B 39 2.76 -14.72 5.67
C LEU B 39 1.57 -15.67 5.78
N ASN B 40 1.81 -16.87 6.29
CA ASN B 40 0.73 -17.85 6.44
C ASN B 40 -0.40 -17.28 7.30
N GLN B 41 -0.05 -16.65 8.42
CA GLN B 41 -1.06 -16.11 9.32
C GLN B 41 -1.80 -14.95 8.68
N ILE B 42 -1.05 -14.07 7.99
CA ILE B 42 -1.66 -12.89 7.38
C ILE B 42 -2.58 -13.28 6.21
N GLU B 43 -2.12 -14.22 5.38
CA GLU B 43 -2.93 -14.71 4.27
C GLU B 43 -4.27 -15.30 4.75
N GLU B 44 -4.23 -16.03 5.87
CA GLU B 44 -5.46 -16.58 6.47
C GLU B 44 -6.38 -15.45 6.88
N LYS B 45 -5.82 -14.44 7.56
CA LYS B 45 -6.65 -13.30 7.99
C LYS B 45 -7.22 -12.52 6.82
N LEU B 46 -6.42 -12.41 5.76
CA LEU B 46 -6.85 -11.73 4.54
C LEU B 46 -7.95 -12.52 3.86
N HIS B 47 -7.79 -13.84 3.75
CA HIS B 47 -8.84 -14.64 3.12
C HIS B 47 -10.14 -14.51 3.91
N GLU B 48 -10.02 -14.44 5.23
CA GLU B 48 -11.18 -14.28 6.12
C GLU B 48 -11.88 -12.95 5.81
N ALA B 49 -11.09 -11.88 5.74
CA ALA B 49 -11.65 -10.55 5.50
C ALA B 49 -12.32 -10.49 4.14
N VAL B 50 -11.61 -10.97 3.13
CA VAL B 50 -12.14 -10.95 1.76
C VAL B 50 -13.40 -11.80 1.62
N SER B 51 -13.40 -12.99 2.22
CA SER B 51 -14.59 -13.83 2.19
C SER B 51 -15.79 -13.13 2.82
N LYS B 52 -15.56 -12.36 3.88
CA LYS B 52 -16.65 -11.59 4.53
C LYS B 52 -17.09 -10.35 3.75
N GLY B 53 -16.26 -9.91 2.81
CA GLY B 53 -16.48 -8.63 2.14
C GLY B 53 -16.10 -7.46 3.04
N ASN B 54 -15.22 -7.72 4.00
CA ASN B 54 -14.80 -6.67 4.94
C ASN B 54 -13.64 -5.90 4.34
N VAL B 55 -13.97 -4.80 3.67
CA VAL B 55 -12.99 -4.05 2.90
C VAL B 55 -12.00 -3.37 3.81
N LYS B 56 -12.50 -2.76 4.89
CA LYS B 56 -11.62 -2.14 5.89
C LYS B 56 -10.52 -3.12 6.33
N GLU B 57 -10.91 -4.32 6.76
CA GLU B 57 -9.93 -5.28 7.28
C GLU B 57 -8.94 -5.74 6.22
N ALA B 58 -9.44 -5.92 4.99
CA ALA B 58 -8.59 -6.33 3.87
C ALA B 58 -7.53 -5.25 3.56
N ILE B 59 -7.94 -3.98 3.58
CA ILE B 59 -7.00 -2.88 3.38
C ILE B 59 -5.99 -2.78 4.53
N ALA B 60 -6.49 -2.94 5.76
CA ALA B 60 -5.65 -2.84 6.94
C ALA B 60 -4.49 -3.84 6.91
N LEU B 61 -4.73 -5.01 6.31
CA LEU B 61 -3.75 -6.09 6.25
C LEU B 61 -2.70 -5.93 5.14
N GLN B 62 -2.88 -4.95 4.27
CA GLN B 62 -2.02 -4.79 3.10
C GLN B 62 -0.53 -4.58 3.43
N PRO B 63 -0.20 -3.63 4.30
CA PRO B 63 1.24 -3.51 4.62
C PRO B 63 1.88 -4.81 5.12
N ALA B 64 1.18 -5.56 5.97
CA ALA B 64 1.72 -6.79 6.54
C ALA B 64 1.86 -7.88 5.45
N LEU B 65 0.88 -7.98 4.56
CA LEU B 65 1.01 -8.94 3.45
C LEU B 65 2.14 -8.56 2.50
N LYS B 66 2.23 -7.28 2.16
N LYS B 66 2.25 -7.28 2.16
CA LYS B 66 3.28 -6.83 1.26
CA LYS B 66 3.31 -6.90 1.22
C LYS B 66 4.66 -7.17 1.85
C LYS B 66 4.69 -7.14 1.83
N PHE B 67 4.83 -6.83 3.12
CA PHE B 67 6.12 -7.00 3.81
C PHE B 67 6.54 -8.46 3.97
N ASN B 68 5.64 -9.29 4.51
CA ASN B 68 5.94 -10.69 4.74
C ASN B 68 5.87 -11.52 3.48
N GLY B 69 4.86 -11.26 2.64
CA GLY B 69 4.73 -11.95 1.37
C GLY B 69 5.88 -11.58 0.46
N GLY B 70 6.19 -10.28 0.43
CA GLY B 70 7.36 -9.78 -0.32
C GLY B 70 8.64 -10.40 0.20
N GLY B 71 8.77 -10.44 1.52
CA GLY B 71 9.95 -11.06 2.15
C GLY B 71 10.13 -12.50 1.68
N HIS B 72 9.02 -13.23 1.65
CA HIS B 72 9.07 -14.61 1.19
C HIS B 72 9.45 -14.69 -0.29
N ILE B 73 8.83 -13.87 -1.13
CA ILE B 73 9.11 -13.89 -2.58
C ILE B 73 10.58 -13.57 -2.86
N ASN B 74 11.03 -12.48 -2.23
CA ASN B 74 12.38 -11.97 -2.46
C ASN B 74 13.45 -12.95 -2.04
N HIS B 75 13.34 -13.49 -0.83
CA HIS B 75 14.38 -14.43 -0.34
C HIS B 75 14.36 -15.76 -1.09
N SER B 76 13.17 -16.26 -1.40
CA SER B 76 13.03 -17.45 -2.25
C SER B 76 13.82 -17.29 -3.56
N ILE B 77 13.63 -16.15 -4.24
CA ILE B 77 14.37 -15.87 -5.48
C ILE B 77 15.85 -15.74 -5.21
N PHE B 78 16.19 -14.98 -4.17
CA PHE B 78 17.58 -14.72 -3.80
C PHE B 78 18.41 -15.99 -3.62
N TRP B 79 17.88 -17.01 -2.91
CA TRP B 79 18.66 -18.22 -2.67
C TRP B 79 19.05 -18.91 -3.98
N THR B 80 18.15 -18.88 -4.96
CA THR B 80 18.36 -19.54 -6.25
C THR B 80 19.30 -18.71 -7.13
N ASN B 81 19.37 -17.41 -6.84
CA ASN B 81 20.20 -16.45 -7.57
C ASN B 81 21.70 -16.59 -7.27
N LEU B 82 22.03 -17.42 -6.28
CA LEU B 82 23.42 -17.59 -5.83
C LEU B 82 23.93 -19.01 -6.02
N ALA B 83 25.24 -19.13 -6.21
CA ALA B 83 25.91 -20.43 -6.42
C ALA B 83 27.41 -20.27 -6.30
N LYS B 84 28.07 -21.29 -5.73
CA LYS B 84 29.53 -21.36 -5.74
C LYS B 84 30.02 -21.53 -7.17
N ASP B 85 29.26 -22.26 -7.98
CA ASP B 85 29.58 -22.49 -9.38
C ASP B 85 28.45 -22.01 -10.28
N GLY B 86 28.34 -20.69 -10.41
CA GLY B 86 27.26 -20.05 -11.14
C GLY B 86 27.21 -20.34 -12.63
N GLY B 87 28.39 -20.45 -13.25
CA GLY B 87 28.47 -20.55 -14.70
C GLY B 87 28.48 -19.18 -15.37
N GLU B 88 27.84 -19.12 -16.55
CA GLU B 88 27.84 -17.91 -17.37
C GLU B 88 26.46 -17.67 -17.99
N PRO B 89 26.16 -16.40 -18.34
CA PRO B 89 24.89 -16.08 -18.99
C PRO B 89 24.66 -16.84 -20.31
N SER B 90 23.41 -17.18 -20.58
CA SER B 90 23.02 -17.83 -21.82
C SER B 90 23.17 -16.89 -23.02
N ALA B 91 23.31 -17.46 -24.21
CA ALA B 91 23.47 -16.69 -25.45
C ALA B 91 22.33 -15.67 -25.63
N GLU B 92 21.10 -16.12 -25.40
CA GLU B 92 19.92 -15.24 -25.50
C GLU B 92 20.04 -14.05 -24.54
N LEU B 93 20.38 -14.34 -23.29
CA LEU B 93 20.47 -13.33 -22.22
C LEU B 93 21.55 -12.29 -22.50
N LEU B 94 22.72 -12.74 -22.94
CA LEU B 94 23.86 -11.85 -23.21
C LEU B 94 23.57 -10.89 -24.36
N THR B 95 22.93 -11.39 -25.42
CA THR B 95 22.45 -10.55 -26.52
C THR B 95 21.61 -9.38 -26.00
N ALA B 96 20.64 -9.71 -25.14
CA ALA B 96 19.79 -8.70 -24.50
C ALA B 96 20.59 -7.79 -23.55
N ILE B 97 21.53 -8.37 -22.81
CA ILE B 97 22.38 -7.61 -21.89
C ILE B 97 23.19 -6.56 -22.66
N LYS B 98 23.81 -7.01 -23.75
CA LYS B 98 24.57 -6.13 -24.63
C LYS B 98 23.67 -5.05 -25.25
N SER B 99 22.45 -5.44 -25.63
CA SER B 99 21.48 -4.53 -26.24
C SER B 99 21.06 -3.39 -25.32
N ASP B 100 20.81 -3.72 -24.06
CA ASP B 100 20.22 -2.77 -23.09
C ASP B 100 21.25 -2.09 -22.20
N PHE B 101 22.44 -2.69 -22.09
CA PHE B 101 23.49 -2.16 -21.21
C PHE B 101 24.83 -1.93 -21.92
N GLY B 102 24.98 -2.48 -23.13
CA GLY B 102 26.23 -2.37 -23.87
C GLY B 102 27.17 -3.54 -23.65
N SER B 103 27.22 -4.00 -22.40
CA SER B 103 28.12 -5.08 -21.98
C SER B 103 27.68 -5.62 -20.61
N LEU B 104 28.21 -6.77 -20.22
CA LEU B 104 27.99 -7.30 -18.87
C LEU B 104 28.61 -6.41 -17.80
N ASP B 105 29.80 -5.88 -18.11
CA ASP B 105 30.51 -4.98 -17.20
C ASP B 105 29.71 -3.73 -16.88
N ASN B 106 29.06 -3.16 -17.89
CA ASN B 106 28.19 -2.00 -17.70
C ASN B 106 26.98 -2.34 -16.85
N LEU B 107 26.40 -3.52 -17.07
CA LEU B 107 25.26 -3.99 -16.29
C LEU B 107 25.66 -4.12 -14.82
N GLN B 108 26.77 -4.81 -14.56
CA GLN B 108 27.22 -5.05 -13.19
C GLN B 108 27.52 -3.73 -12.47
N LYS B 109 28.19 -2.82 -13.17
CA LYS B 109 28.49 -1.48 -12.65
C LYS B 109 27.20 -0.72 -12.26
N GLN B 110 26.22 -0.75 -13.15
CA GLN B 110 24.97 0.00 -12.94
C GLN B 110 24.10 -0.63 -11.87
N LEU B 111 23.96 -1.95 -11.89
CA LEU B 111 23.21 -2.62 -10.81
C LEU B 111 23.89 -2.41 -9.46
N SER B 112 25.22 -2.56 -9.43
CA SER B 112 25.97 -2.33 -8.19
C SER B 112 25.76 -0.91 -7.63
N ALA B 113 25.89 0.09 -8.49
CA ALA B 113 25.71 1.50 -8.09
C ALA B 113 24.31 1.76 -7.52
N SER B 114 23.29 1.30 -8.25
CA SER B 114 21.90 1.50 -7.82
C SER B 114 21.65 0.80 -6.50
N THR B 115 22.20 -0.41 -6.35
CA THR B 115 21.97 -1.23 -5.15
C THR B 115 22.62 -0.60 -3.92
N VAL B 116 23.87 -0.20 -4.07
CA VAL B 116 24.58 0.50 -2.99
C VAL B 116 23.87 1.79 -2.57
N ALA B 117 23.24 2.48 -3.52
CA ALA B 117 22.56 3.75 -3.27
C ALA B 117 21.20 3.63 -2.57
N VAL B 118 20.72 2.40 -2.37
CA VAL B 118 19.46 2.20 -1.63
C VAL B 118 19.56 2.84 -0.24
N GLN B 119 18.59 3.70 0.08
CA GLN B 119 18.53 4.35 1.40
C GLN B 119 17.73 3.46 2.35
N GLY B 120 18.39 2.97 3.39
CA GLY B 120 17.75 2.09 4.34
C GLY B 120 17.77 0.65 3.83
N SER B 121 16.70 -0.10 4.14
CA SER B 121 16.64 -1.49 3.75
C SER B 121 16.01 -1.67 2.38
N GLY B 122 16.52 -2.63 1.63
CA GLY B 122 15.98 -2.79 0.30
C GLY B 122 16.72 -3.82 -0.56
N TRP B 123 16.39 -3.81 -1.84
CA TRP B 123 16.91 -4.74 -2.80
C TRP B 123 17.22 -4.05 -4.12
N GLY B 124 18.22 -4.59 -4.84
CA GLY B 124 18.58 -4.14 -6.15
C GLY B 124 18.24 -5.29 -7.10
N TRP B 125 17.65 -5.01 -8.25
CA TRP B 125 17.27 -6.06 -9.15
C TRP B 125 17.59 -5.81 -10.61
N LEU B 126 17.89 -6.90 -11.30
CA LEU B 126 18.03 -6.94 -12.73
C LEU B 126 16.69 -7.44 -13.13
N GLY B 127 15.88 -6.79 -13.89
CA GLY B 127 14.53 -7.22 -14.21
C GLY B 127 14.23 -7.16 -15.70
N TYR B 128 13.19 -7.89 -16.10
CA TYR B 128 12.77 -7.90 -17.50
C TYR B 128 11.40 -7.26 -17.62
N CYS B 129 11.30 -6.22 -18.45
CA CYS B 129 10.02 -5.60 -18.76
C CYS B 129 9.35 -6.39 -19.87
N PRO B 130 8.23 -7.08 -19.56
CA PRO B 130 7.58 -7.89 -20.59
C PRO B 130 6.95 -7.05 -21.72
N LYS B 131 6.45 -5.86 -21.38
CA LYS B 131 5.77 -4.99 -22.34
C LYS B 131 6.77 -4.29 -23.25
N GLY B 132 7.81 -3.71 -22.66
CA GLY B 132 8.86 -3.03 -23.41
C GLY B 132 9.88 -3.97 -24.05
N LYS B 133 9.86 -5.23 -23.63
CA LYS B 133 10.82 -6.24 -24.08
C LYS B 133 12.27 -5.79 -23.87
N ILE B 134 12.49 -5.15 -22.70
CA ILE B 134 13.79 -4.57 -22.37
C ILE B 134 14.27 -4.96 -20.94
N LEU B 135 15.60 -5.00 -20.76
CA LEU B 135 16.17 -5.32 -19.46
C LEU B 135 16.34 -4.04 -18.65
N LYS B 136 15.96 -4.07 -17.37
CA LYS B 136 16.04 -2.90 -16.54
C LYS B 136 16.65 -3.15 -15.18
N VAL B 137 17.33 -2.11 -14.65
CA VAL B 137 17.85 -2.13 -13.29
C VAL B 137 16.83 -1.36 -12.47
N ALA B 138 16.44 -1.93 -11.35
CA ALA B 138 15.46 -1.32 -10.46
C ALA B 138 15.85 -1.60 -9.01
N THR B 139 15.37 -0.77 -8.10
CA THR B 139 15.52 -1.06 -6.68
C THR B 139 14.14 -1.06 -6.04
N CYS B 140 14.03 -1.80 -4.93
CA CYS B 140 12.79 -1.93 -4.16
C CYS B 140 13.08 -1.63 -2.70
N ALA B 141 12.14 -0.97 -2.04
CA ALA B 141 12.29 -0.63 -0.64
C ALA B 141 11.81 -1.77 0.23
N ASN B 142 12.50 -1.95 1.36
CA ASN B 142 12.11 -2.94 2.37
C ASN B 142 11.89 -4.29 1.69
N GLN B 143 10.73 -4.91 1.85
CA GLN B 143 10.50 -6.18 1.14
C GLN B 143 9.54 -6.08 -0.03
N ASP B 144 9.30 -4.87 -0.52
CA ASP B 144 8.44 -4.70 -1.69
C ASP B 144 8.93 -5.63 -2.79
N PRO B 145 8.09 -6.57 -3.24
CA PRO B 145 8.57 -7.49 -4.29
C PRO B 145 8.52 -6.89 -5.68
N LEU B 146 9.52 -7.22 -6.49
CA LEU B 146 9.66 -6.57 -7.80
C LEU B 146 8.46 -6.65 -8.73
N GLU B 147 8.02 -7.85 -9.01
CA GLU B 147 7.02 -8.07 -10.05
C GLU B 147 5.67 -7.51 -9.65
N ALA B 148 5.26 -7.79 -8.41
CA ALA B 148 3.97 -7.36 -7.92
C ALA B 148 3.88 -5.84 -7.91
N THR B 149 5.00 -5.16 -7.61
CA THR B 149 4.96 -3.72 -7.42
C THR B 149 5.35 -2.90 -8.64
N THR B 150 6.02 -3.51 -9.62
CA THR B 150 6.50 -2.76 -10.80
C THR B 150 6.12 -3.39 -12.14
N GLY B 151 5.75 -4.67 -12.12
CA GLY B 151 5.51 -5.42 -13.36
C GLY B 151 6.76 -6.05 -13.94
N LEU B 152 7.93 -5.63 -13.44
CA LEU B 152 9.21 -6.20 -13.90
C LEU B 152 9.40 -7.61 -13.34
N VAL B 153 9.74 -8.54 -14.23
CA VAL B 153 10.04 -9.91 -13.82
C VAL B 153 11.48 -9.95 -13.31
N PRO B 154 11.67 -10.38 -12.04
CA PRO B 154 13.01 -10.44 -11.44
C PRO B 154 13.89 -11.53 -12.03
N LEU B 155 15.13 -11.17 -12.35
CA LEU B 155 16.11 -12.13 -12.85
C LEU B 155 17.26 -12.36 -11.87
N PHE B 156 17.78 -11.27 -11.30
CA PHE B 156 18.87 -11.36 -10.34
C PHE B 156 18.71 -10.26 -9.31
N GLY B 157 18.74 -10.63 -8.04
CA GLY B 157 18.56 -9.66 -6.95
C GLY B 157 19.71 -9.67 -5.98
N ILE B 158 19.92 -8.51 -5.37
CA ILE B 158 20.96 -8.30 -4.36
C ILE B 158 20.27 -7.69 -3.14
N ASP B 159 20.22 -8.46 -2.06
CA ASP B 159 19.64 -8.03 -0.80
C ASP B 159 20.57 -7.07 -0.08
N VAL B 160 20.12 -5.80 0.11
CA VAL B 160 21.02 -4.88 0.88
C VAL B 160 20.51 -4.47 2.26
N TRP B 161 19.64 -5.27 2.79
CA TRP B 161 19.22 -5.13 4.15
C TRP B 161 20.51 -5.33 4.89
N GLU B 162 20.73 -4.66 5.99
CA GLU B 162 21.98 -4.80 6.73
C GLU B 162 22.19 -6.23 7.23
N HIS B 163 21.08 -7.00 7.40
CA HIS B 163 21.25 -8.37 7.91
C HIS B 163 21.91 -9.25 6.84
N ALA B 164 21.90 -8.80 5.59
CA ALA B 164 22.44 -9.59 4.48
C ALA B 164 23.96 -9.55 4.42
N TYR B 165 24.58 -8.59 5.12
CA TYR B 165 26.03 -8.48 5.07
C TYR B 165 26.78 -7.95 6.33
N TYR B 166 26.04 -7.42 7.29
CA TYR B 166 26.71 -6.72 8.43
C TYR B 166 27.66 -7.56 9.27
N LEU B 167 27.26 -8.75 9.68
CA LEU B 167 28.14 -9.59 10.48
C LEU B 167 29.51 -9.75 9.84
N GLN B 168 29.55 -9.84 8.51
CA GLN B 168 30.83 -10.01 7.81
C GLN B 168 31.47 -8.69 7.41
N TYR B 169 30.70 -7.87 6.68
CA TYR B 169 31.21 -6.66 6.03
C TYR B 169 31.08 -5.39 6.86
N LYS B 170 30.36 -5.49 7.98
CA LYS B 170 30.02 -4.33 8.82
C LYS B 170 29.35 -3.26 7.95
N ASN B 171 29.80 -2.01 8.09
CA ASN B 171 29.20 -0.88 7.37
C ASN B 171 29.58 -0.82 5.87
N VAL B 172 30.56 -1.65 5.47
CA VAL B 172 31.11 -1.59 4.12
C VAL B 172 30.26 -2.35 3.09
N ARG B 173 29.05 -1.85 2.90
CA ARG B 173 28.08 -2.40 1.93
C ARG B 173 28.66 -2.56 0.52
N PRO B 174 29.42 -1.56 0.01
CA PRO B 174 29.94 -1.71 -1.35
C PRO B 174 30.82 -2.95 -1.60
N ASP B 175 31.57 -3.37 -0.59
CA ASP B 175 32.43 -4.55 -0.72
C ASP B 175 31.60 -5.81 -0.92
N TYR B 176 30.47 -5.88 -0.21
CA TYR B 176 29.53 -7.00 -0.32
C TYR B 176 28.89 -7.00 -1.69
N VAL B 177 28.39 -5.84 -2.13
CA VAL B 177 27.71 -5.71 -3.42
C VAL B 177 28.63 -6.08 -4.59
N ASN B 178 29.87 -5.63 -4.54
CA ASN B 178 30.80 -6.01 -5.59
C ASN B 178 31.23 -7.49 -5.51
N ALA B 179 31.33 -8.04 -4.30
CA ALA B 179 31.77 -9.44 -4.13
C ALA B 179 30.68 -10.45 -4.48
N ILE B 180 29.42 -10.03 -4.39
CA ILE B 180 28.31 -10.94 -4.67
C ILE B 180 28.28 -11.42 -6.13
N TRP B 181 28.88 -10.65 -7.03
CA TRP B 181 28.98 -11.04 -8.43
C TRP B 181 29.78 -12.33 -8.64
N LYS B 182 30.69 -12.61 -7.70
CA LYS B 182 31.51 -13.83 -7.72
C LYS B 182 30.64 -15.08 -7.56
N ILE B 183 29.51 -14.91 -6.88
CA ILE B 183 28.59 -16.03 -6.64
C ILE B 183 27.24 -15.91 -7.35
N ALA B 184 27.17 -15.09 -8.39
CA ALA B 184 25.93 -14.93 -9.16
C ALA B 184 25.63 -16.17 -10.01
N ASN B 185 24.48 -16.79 -9.72
CA ASN B 185 24.09 -18.01 -10.42
C ASN B 185 23.50 -17.68 -11.78
N TRP B 186 24.38 -17.49 -12.76
CA TRP B 186 23.98 -17.09 -14.11
C TRP B 186 23.06 -18.10 -14.79
N LYS B 187 23.27 -19.38 -14.48
CA LYS B 187 22.37 -20.44 -14.95
C LYS B 187 20.92 -20.16 -14.51
N ASN B 188 20.74 -19.82 -13.24
CA ASN B 188 19.41 -19.49 -12.73
C ASN B 188 18.85 -18.22 -13.37
N VAL B 189 19.69 -17.18 -13.48
CA VAL B 189 19.29 -15.93 -14.12
C VAL B 189 18.85 -16.14 -15.56
N SER B 190 19.61 -16.95 -16.29
CA SER B 190 19.31 -17.29 -17.69
C SER B 190 17.97 -18.01 -17.79
N GLU B 191 17.72 -18.92 -16.85
CA GLU B 191 16.46 -19.66 -16.80
C GLU B 191 15.28 -18.74 -16.59
N ARG B 192 15.44 -17.81 -15.64
CA ARG B 192 14.43 -16.82 -15.32
C ARG B 192 14.15 -15.91 -16.52
N PHE B 193 15.21 -15.55 -17.25
CA PHE B 193 15.07 -14.76 -18.48
C PHE B 193 14.26 -15.49 -19.54
N ALA B 194 14.55 -16.77 -19.73
CA ALA B 194 13.82 -17.59 -20.70
C ALA B 194 12.33 -17.66 -20.36
N LYS B 195 12.01 -17.90 -19.09
CA LYS B 195 10.61 -17.93 -18.63
C LYS B 195 9.93 -16.57 -18.78
N ALA B 196 10.67 -15.49 -18.52
CA ALA B 196 10.11 -14.13 -18.57
C ALA B 196 9.72 -13.71 -19.99
N GLN B 197 10.34 -14.35 -20.98
CA GLN B 197 10.05 -14.09 -22.39
C GLN B 197 8.92 -14.95 -22.94
N GLN B 198 8.34 -15.80 -22.08
CA GLN B 198 7.25 -16.67 -22.48
C GLN B 198 5.89 -16.02 -22.23
#